data_3NJQ
#
_entry.id   3NJQ
#
_cell.length_a   69.317
_cell.length_b   95.994
_cell.length_c   119.244
_cell.angle_alpha   90.00
_cell.angle_beta   90.00
_cell.angle_gamma   90.00
#
_symmetry.space_group_name_H-M   'I 2 2 2'
#
loop_
_entity.id
_entity.type
_entity.pdbx_description
1 polymer 'ORF 17'
2 polymer 'ORF 17'
3 non-polymer 'ACETATE ION'
4 non-polymer '3-benzyl-4-({[6-(cyclohexylmethyl)pyridin-2-yl]carbonyl}amino)benzoic acid'
5 non-polymer 'SULFATE ION'
6 non-polymer GLYCEROL
7 water water
#
loop_
_entity_poly.entity_id
_entity_poly.type
_entity_poly.pdbx_seq_one_letter_code
_entity_poly.pdbx_strand_id
1 'polypeptide(L)'
;GLYVGGFVDVVS(CSO)PKLEQELYLDPDQVTDYLPVTEPLPITIEHLPETEVGWTLGLFQVSHGIFCTGAITSPAFLEL
ASRLADTSHVARAPVKNLPKEPLLEILHTWLPGLSLSSIHPRELSQTPSGPVFQHVSLCALGRRRGTVAVYGHDAEWVVS
RFSSVSKSERAHILQHVSSCRLEDLSTPNFVSPLETL
;
A
2 'polypeptide(L)'
;GLYVGGFVDVVS(CSO)PKLEQELYLDPDQVTDYLPVTEPLPITIEHLPETEVGWTLGLFQVSHGIFCTGAITSPAFLEL
ASRLADTSHVARAPVKNLPKEPLLEILHTWLPGLSLSSIHPRELSQTPSGPVFQHVSLCALGRRRGTVAVYGHDAEWVVS
RFSSVSKSERAHILQHVSS(CSO)RLEDLSTPNFVSPLETL
;
B
#
loop_
_chem_comp.id
_chem_comp.type
_chem_comp.name
_chem_comp.formula
ACT non-polymer 'ACETATE ION' 'C2 H3 O2 -1'
GOL non-polymer GLYCEROL 'C3 H8 O3'
NJQ non-polymer '3-benzyl-4-({[6-(cyclohexylmethyl)pyridin-2-yl]carbonyl}amino)benzoic acid' 'C27 H28 N2 O3'
SO4 non-polymer 'SULFATE ION' 'O4 S -2'
#
# COMPACT_ATOMS: atom_id res chain seq x y z
N GLY A 1 -0.15 20.82 -7.89
CA GLY A 1 1.07 20.64 -6.99
C GLY A 1 0.85 21.09 -5.55
N LEU A 2 0.26 20.24 -4.71
CA LEU A 2 0.04 20.54 -3.28
C LEU A 2 0.77 19.57 -2.38
N TYR A 3 1.44 20.13 -1.38
CA TYR A 3 2.04 19.38 -0.29
C TYR A 3 1.17 19.51 0.95
N VAL A 4 1.12 18.44 1.73
CA VAL A 4 0.51 18.50 3.05
C VAL A 4 1.47 18.03 4.13
N GLY A 5 1.40 18.65 5.30
CA GLY A 5 2.38 18.40 6.34
C GLY A 5 1.72 18.55 7.69
N GLY A 6 2.16 17.74 8.64
CA GLY A 6 1.57 17.83 9.96
C GLY A 6 1.95 16.70 10.90
N PHE A 7 1.63 16.92 12.18
CA PHE A 7 1.67 15.77 13.08
C PHE A 7 0.41 14.95 12.97
N VAL A 8 0.56 13.63 13.12
CA VAL A 8 -0.56 12.71 12.94
C VAL A 8 -1.06 12.19 14.27
N ASP A 9 -2.30 11.71 14.29
CA ASP A 9 -2.80 10.79 15.31
C ASP A 9 -2.70 9.39 14.73
N VAL A 10 -2.41 8.42 15.58
CA VAL A 10 -2.28 7.08 15.06
C VAL A 10 -3.46 6.26 15.53
N VAL A 11 -4.16 5.61 14.58
CA VAL A 11 -5.39 4.92 14.94
C VAL A 11 -5.48 3.54 14.32
N SER A 12 -5.91 2.56 15.11
CA SER A 12 -6.22 1.20 14.60
C SER A 12 -7.73 0.98 14.51
N CSO A 13 -8.18 0.26 13.47
CA CSO A 13 -9.63 0.13 13.15
CB CSO A 13 -10.36 -0.92 14.02
SG CSO A 13 -9.57 -2.52 13.97
C CSO A 13 -10.44 1.45 13.12
O CSO A 13 -11.56 1.49 13.64
OD CSO A 13 -9.89 -3.10 12.30
N PRO A 14 -9.90 2.50 12.49
CA PRO A 14 -10.52 3.82 12.53
C PRO A 14 -11.98 3.83 12.09
N LYS A 15 -12.81 4.50 12.89
CA LYS A 15 -14.23 4.71 12.58
C LYS A 15 -15.06 3.44 12.64
N LEU A 16 -14.45 2.37 13.14
CA LEU A 16 -15.14 1.12 13.43
C LEU A 16 -15.20 0.91 14.96
N GLU A 17 -16.14 0.07 15.42
CA GLU A 17 -16.30 -0.20 16.86
C GLU A 17 -15.00 -0.48 17.62
N GLN A 18 -14.14 -1.32 17.03
CA GLN A 18 -12.86 -1.69 17.64
C GLN A 18 -11.78 -0.60 17.54
N GLU A 19 -12.15 0.61 17.11
CA GLU A 19 -11.21 1.73 17.01
C GLU A 19 -10.40 1.99 18.29
N LEU A 20 -9.08 2.16 18.14
CA LEU A 20 -8.20 2.53 19.24
C LEU A 20 -7.12 3.48 18.77
N TYR A 21 -7.04 4.65 19.41
CA TYR A 21 -5.91 5.57 19.28
C TYR A 21 -4.69 5.06 20.04
N LEU A 22 -3.55 4.96 19.36
CA LEU A 22 -2.33 4.44 19.93
C LEU A 22 -1.45 5.60 20.36
N ASP A 23 -0.85 5.53 21.55
CA ASP A 23 0.27 6.43 21.86
C ASP A 23 1.36 6.28 20.77
N PRO A 24 1.99 7.40 20.34
CA PRO A 24 3.00 7.29 19.26
C PRO A 24 4.28 6.47 19.62
N ASP A 25 4.58 6.35 20.91
CA ASP A 25 5.65 5.44 21.33
C ASP A 25 5.40 3.99 20.90
N GLN A 26 4.14 3.61 20.73
CA GLN A 26 3.82 2.22 20.39
C GLN A 26 4.26 1.82 18.97
N VAL A 27 4.42 2.80 18.09
CA VAL A 27 4.81 2.50 16.69
C VAL A 27 6.15 3.10 16.27
N THR A 28 6.76 3.87 17.18
CA THR A 28 8.13 4.37 17.13
C THR A 28 9.11 3.46 16.36
N ASP A 29 9.16 2.19 16.73
CA ASP A 29 10.10 1.25 16.13
C ASP A 29 9.83 0.86 14.67
N TYR A 30 8.71 1.31 14.10
CA TYR A 30 8.38 0.99 12.69
C TYR A 30 8.49 2.20 11.76
N LEU A 31 9.15 3.23 12.25
CA LEU A 31 9.37 4.46 11.51
C LEU A 31 10.87 4.58 11.31
N PRO A 32 11.30 5.34 10.28
CA PRO A 32 10.52 6.08 9.30
C PRO A 32 9.86 5.18 8.25
N VAL A 33 8.85 5.69 7.58
CA VAL A 33 8.26 5.00 6.44
C VAL A 33 8.38 5.97 5.29
N THR A 34 9.26 5.62 4.34
CA THR A 34 9.38 6.45 3.12
C THR A 34 8.70 5.85 1.88
N GLU A 35 8.21 4.61 1.97
CA GLU A 35 7.36 4.04 0.91
C GLU A 35 6.07 4.93 0.93
N PRO A 36 5.48 5.23 -0.26
CA PRO A 36 4.25 6.03 -0.24
C PRO A 36 3.05 5.21 0.26
N LEU A 37 2.29 5.78 1.20
CA LEU A 37 1.00 5.24 1.58
C LEU A 37 -0.08 6.13 0.94
N PRO A 38 -1.25 5.56 0.60
CA PRO A 38 -2.32 6.38 0.05
C PRO A 38 -2.77 7.38 1.13
N ILE A 39 -3.15 8.58 0.66
CA ILE A 39 -3.86 9.59 1.40
C ILE A 39 -5.34 9.63 0.96
N THR A 40 -6.22 9.35 1.92
CA THR A 40 -7.65 9.32 1.61
C THR A 40 -8.36 10.32 2.52
N ILE A 41 -9.69 10.40 2.32
CA ILE A 41 -10.50 11.29 3.14
C ILE A 41 -11.30 10.44 4.09
N GLU A 42 -11.13 10.73 5.39
CA GLU A 42 -11.93 10.14 6.42
C GLU A 42 -11.93 8.61 6.38
N HIS A 43 -10.77 8.02 6.04
CA HIS A 43 -10.58 6.53 5.98
C HIS A 43 -11.52 5.83 4.99
N LEU A 44 -11.90 6.56 3.95
CA LEU A 44 -12.79 6.02 2.95
C LEU A 44 -11.90 5.59 1.76
N PRO A 45 -11.85 4.29 1.46
CA PRO A 45 -11.10 3.84 0.26
C PRO A 45 -11.85 4.40 -0.96
N GLU A 46 -11.23 4.53 -2.10
CA GLU A 46 -11.99 5.21 -3.18
C GLU A 46 -12.13 6.72 -2.99
N THR A 47 -11.55 7.29 -1.92
CA THR A 47 -11.30 8.76 -1.86
C THR A 47 -9.77 9.13 -1.81
N GLU A 48 -8.92 8.31 -2.44
CA GLU A 48 -7.47 8.56 -2.48
C GLU A 48 -7.27 9.88 -3.22
N VAL A 49 -6.58 10.82 -2.61
CA VAL A 49 -6.31 12.11 -3.24
C VAL A 49 -4.83 12.36 -3.38
N GLY A 50 -4.04 11.54 -2.66
CA GLY A 50 -2.57 11.56 -2.92
C GLY A 50 -1.80 10.44 -2.28
N TRP A 51 -0.56 10.73 -1.87
CA TRP A 51 0.42 9.75 -1.44
C TRP A 51 1.28 10.39 -0.37
N THR A 52 1.60 9.65 0.69
CA THR A 52 2.53 10.21 1.68
C THR A 52 3.95 10.17 1.12
N LEU A 53 4.81 11.08 1.56
CA LEU A 53 6.21 11.13 1.12
C LEU A 53 7.20 10.91 2.26
N GLY A 54 6.68 10.82 3.47
CA GLY A 54 7.48 10.31 4.57
C GLY A 54 6.71 10.41 5.86
N LEU A 55 6.89 9.43 6.75
CA LEU A 55 6.43 9.49 8.14
C LEU A 55 7.65 9.36 9.01
N PHE A 56 7.93 10.41 9.79
CA PHE A 56 9.13 10.47 10.60
C PHE A 56 8.83 10.67 12.08
N GLN A 57 9.51 9.90 12.93
CA GLN A 57 9.60 10.21 14.36
C GLN A 57 10.43 11.49 14.53
N VAL A 58 9.83 12.52 15.12
CA VAL A 58 10.58 13.71 15.47
C VAL A 58 10.48 13.94 16.99
N SER A 59 11.09 14.99 17.52
CA SER A 59 11.09 15.22 18.97
C SER A 59 9.66 15.20 19.55
N HIS A 60 8.77 15.93 18.90
CA HIS A 60 7.46 16.19 19.47
C HIS A 60 6.35 15.41 18.78
N GLY A 61 6.67 14.22 18.26
CA GLY A 61 5.65 13.35 17.64
C GLY A 61 6.00 12.65 16.32
N ILE A 62 4.96 12.22 15.58
CA ILE A 62 5.16 11.59 14.27
C ILE A 62 4.70 12.59 13.20
N PHE A 63 5.65 13.00 12.35
CA PHE A 63 5.41 14.01 11.33
C PHE A 63 5.19 13.30 10.02
N CYS A 64 4.16 13.75 9.32
CA CYS A 64 3.81 13.27 7.99
C CYS A 64 3.92 14.40 6.94
N THR A 65 4.63 14.14 5.85
CA THR A 65 4.54 15.02 4.70
C THR A 65 3.91 14.22 3.60
N GLY A 66 3.03 14.86 2.83
CA GLY A 66 2.39 14.21 1.69
C GLY A 66 2.22 15.08 0.46
N ALA A 67 1.90 14.44 -0.66
CA ALA A 67 1.55 15.14 -1.89
C ALA A 67 0.10 14.84 -2.22
N ILE A 68 -0.66 15.90 -2.46
CA ILE A 68 -2.03 15.78 -2.90
C ILE A 68 -1.97 15.88 -4.43
N THR A 69 -2.29 14.81 -5.13
CA THR A 69 -2.00 14.78 -6.54
C THR A 69 -3.20 14.55 -7.42
N SER A 70 -4.32 14.20 -6.81
CA SER A 70 -5.45 13.85 -7.66
C SER A 70 -5.87 15.09 -8.45
N PRO A 71 -5.83 15.03 -9.80
CA PRO A 71 -6.34 16.23 -10.51
C PRO A 71 -7.83 16.47 -10.34
N ALA A 72 -8.66 15.43 -10.24
CA ALA A 72 -10.11 15.62 -10.00
C ALA A 72 -10.35 16.32 -8.65
N PHE A 73 -9.62 15.91 -7.63
CA PHE A 73 -9.79 16.47 -6.32
C PHE A 73 -9.31 17.89 -6.29
N LEU A 74 -8.12 18.13 -6.81
CA LEU A 74 -7.55 19.48 -6.76
C LEU A 74 -8.41 20.47 -7.52
N GLU A 75 -8.89 20.06 -8.69
CA GLU A 75 -9.75 20.90 -9.51
C GLU A 75 -11.11 21.15 -8.87
N LEU A 76 -11.66 20.12 -8.22
CA LEU A 76 -12.90 20.29 -7.53
C LEU A 76 -12.68 21.19 -6.33
N ALA A 77 -11.66 20.90 -5.50
CA ALA A 77 -11.50 21.74 -4.28
C ALA A 77 -11.25 23.25 -4.59
N SER A 78 -10.41 23.47 -5.59
CA SER A 78 -10.09 24.80 -6.09
C SER A 78 -11.38 25.56 -6.57
N ARG A 79 -12.21 24.89 -7.36
CA ARG A 79 -13.47 25.46 -7.82
C ARG A 79 -14.36 25.88 -6.63
N LEU A 80 -14.54 24.95 -5.68
CA LEU A 80 -15.31 25.18 -4.49
C LEU A 80 -14.74 26.29 -3.57
N ALA A 81 -13.43 26.29 -3.36
CA ALA A 81 -12.75 27.41 -2.70
C ALA A 81 -13.09 28.79 -3.35
N ASP A 82 -13.26 28.81 -4.67
CA ASP A 82 -13.55 30.04 -5.37
C ASP A 82 -15.03 30.41 -5.44
N THR A 83 -15.93 29.45 -5.23
CA THR A 83 -17.33 29.66 -5.60
C THR A 83 -18.34 29.23 -4.54
N SER A 84 -17.91 28.50 -3.50
CA SER A 84 -18.89 27.90 -2.57
C SER A 84 -18.97 28.68 -1.25
N HIS A 85 -20.14 29.29 -1.00
CA HIS A 85 -20.31 30.06 0.26
C HIS A 85 -20.21 29.15 1.48
N VAL A 86 -20.66 27.92 1.29
CA VAL A 86 -20.53 26.88 2.32
C VAL A 86 -19.07 26.60 2.67
N ALA A 87 -18.23 26.36 1.65
CA ALA A 87 -16.85 26.09 1.87
C ALA A 87 -16.19 27.29 2.52
N ARG A 88 -16.71 28.50 2.23
CA ARG A 88 -16.02 29.72 2.73
C ARG A 88 -16.49 30.16 4.08
N ALA A 89 -17.68 29.75 4.46
CA ALA A 89 -18.33 30.23 5.71
C ALA A 89 -17.41 30.11 6.95
N PRO A 90 -16.71 28.97 7.13
CA PRO A 90 -15.97 28.85 8.39
C PRO A 90 -14.50 29.33 8.25
N VAL A 91 -14.18 30.05 7.19
CA VAL A 91 -12.82 30.56 7.04
CA VAL A 91 -12.82 30.57 6.89
C VAL A 91 -12.81 32.07 7.11
N LYS A 92 -11.68 32.65 7.52
CA LYS A 92 -11.59 34.11 7.62
C LYS A 92 -11.96 34.69 6.25
N ASN A 93 -12.46 35.90 6.25
CA ASN A 93 -12.92 36.54 5.01
C ASN A 93 -11.76 36.89 4.09
N LEU A 94 -11.98 36.73 2.78
CA LEU A 94 -11.06 37.22 1.74
C LEU A 94 -9.61 36.72 1.88
N PRO A 95 -9.42 35.41 2.09
CA PRO A 95 -8.00 34.98 2.19
C PRO A 95 -7.31 34.95 0.82
N LYS A 96 -6.02 35.26 0.81
CA LYS A 96 -5.21 34.97 -0.31
C LYS A 96 -5.17 33.46 -0.40
N GLU A 97 -5.17 32.93 -1.62
CA GLU A 97 -5.06 31.47 -1.75
C GLU A 97 -6.17 30.73 -0.97
N PRO A 98 -7.43 30.86 -1.43
CA PRO A 98 -8.57 30.23 -0.82
C PRO A 98 -8.49 28.69 -0.76
N LEU A 99 -7.96 28.02 -1.78
CA LEU A 99 -7.72 26.57 -1.69
C LEU A 99 -6.95 26.17 -0.43
N LEU A 100 -5.78 26.76 -0.22
CA LEU A 100 -4.99 26.40 0.94
C LEU A 100 -5.78 26.55 2.22
N GLU A 101 -6.45 27.70 2.37
CA GLU A 101 -7.17 28.01 3.57
C GLU A 101 -8.36 27.09 3.81
N ILE A 102 -9.07 26.76 2.72
CA ILE A 102 -10.22 25.89 2.78
C ILE A 102 -9.83 24.45 3.19
N LEU A 103 -8.74 23.93 2.60
CA LEU A 103 -8.18 22.66 3.07
C LEU A 103 -7.71 22.65 4.52
N HIS A 104 -6.91 23.65 4.88
CA HIS A 104 -6.38 23.84 6.21
C HIS A 104 -7.55 23.89 7.22
N THR A 105 -8.73 24.38 6.78
CA THR A 105 -9.89 24.51 7.68
CA THR A 105 -9.89 24.50 7.69
C THR A 105 -10.77 23.24 7.71
N TRP A 106 -11.18 22.77 6.56
CA TRP A 106 -12.10 21.66 6.48
C TRP A 106 -11.47 20.27 6.74
N LEU A 107 -10.17 20.12 6.46
CA LEU A 107 -9.46 18.83 6.60
C LEU A 107 -8.18 19.07 7.46
N PRO A 108 -8.39 19.49 8.71
CA PRO A 108 -7.35 19.82 9.67
C PRO A 108 -6.61 18.61 10.26
N GLY A 109 -7.18 17.41 10.16
CA GLY A 109 -6.64 16.26 10.87
C GLY A 109 -5.93 15.30 9.93
N LEU A 110 -4.76 14.86 10.36
CA LEU A 110 -4.08 13.75 9.73
C LEU A 110 -4.10 12.53 10.68
N SER A 111 -4.67 11.46 10.16
CA SER A 111 -4.87 10.23 10.91
C SER A 111 -4.12 9.11 10.21
N LEU A 112 -3.12 8.56 10.91
CA LEU A 112 -2.32 7.42 10.42
C LEU A 112 -2.91 6.09 10.89
N SER A 113 -3.38 5.29 9.95
CA SER A 113 -3.95 4.01 10.22
C SER A 113 -2.87 2.98 10.53
N SER A 114 -3.09 2.24 11.62
CA SER A 114 -2.14 1.29 12.16
C SER A 114 -2.82 -0.03 12.41
N ILE A 115 -2.07 -1.13 12.45
CA ILE A 115 -2.57 -2.38 13.09
C ILE A 115 -2.71 -2.19 14.61
N HIS A 116 -3.45 -3.09 15.27
CA HIS A 116 -3.72 -3.05 16.72
C HIS A 116 -2.48 -3.37 17.55
N PRO A 117 -2.29 -2.68 18.70
CA PRO A 117 -1.16 -2.98 19.60
C PRO A 117 -1.03 -4.47 19.97
N ARG A 118 -2.10 -5.24 19.78
CA ARG A 118 -2.09 -6.70 19.94
C ARG A 118 -0.89 -7.29 19.18
N GLU A 119 -0.74 -6.86 17.92
CA GLU A 119 0.26 -7.39 16.97
C GLU A 119 1.65 -6.75 17.14
N LEU A 120 1.72 -5.66 17.92
CA LEU A 120 2.94 -4.84 18.06
C LEU A 120 4.00 -5.27 19.09
N SER A 121 3.64 -6.14 20.03
CA SER A 121 4.55 -6.49 21.13
C SER A 121 5.26 -7.79 20.85
N GLN A 122 5.00 -8.32 19.65
CA GLN A 122 5.45 -9.65 19.27
C GLN A 122 5.86 -9.71 17.79
N THR A 123 6.44 -8.61 17.30
CA THR A 123 6.96 -8.55 15.92
C THR A 123 5.85 -8.86 14.89
N PRO A 124 5.28 -7.80 14.28
CA PRO A 124 4.20 -7.90 13.30
C PRO A 124 4.64 -8.67 12.06
N SER A 125 3.68 -9.35 11.45
CA SER A 125 3.96 -10.19 10.31
C SER A 125 4.05 -9.33 9.05
N GLY A 126 3.06 -8.44 8.89
CA GLY A 126 2.90 -7.59 7.71
C GLY A 126 3.03 -6.12 8.02
N PRO A 127 2.71 -5.26 7.03
CA PRO A 127 2.76 -3.79 7.12
C PRO A 127 2.09 -3.25 8.40
N VAL A 128 2.80 -2.42 9.16
CA VAL A 128 2.26 -1.87 10.41
C VAL A 128 1.25 -0.74 10.12
N PHE A 129 1.45 -0.05 8.99
CA PHE A 129 0.62 1.08 8.54
C PHE A 129 -0.10 0.81 7.24
N GLN A 130 -1.30 1.38 7.11
CA GLN A 130 -2.10 1.19 5.89
C GLN A 130 -2.22 2.47 5.03
N HIS A 131 -2.55 3.59 5.66
CA HIS A 131 -2.83 4.86 4.94
C HIS A 131 -2.80 6.02 5.90
N VAL A 132 -2.84 7.22 5.32
CA VAL A 132 -3.07 8.43 6.10
C VAL A 132 -4.34 9.06 5.54
N SER A 133 -5.19 9.52 6.44
CA SER A 133 -6.41 10.16 6.03
C SER A 133 -6.36 11.61 6.44
N LEU A 134 -6.83 12.44 5.52
CA LEU A 134 -7.23 13.80 5.83
C LEU A 134 -8.62 13.75 6.52
N CYS A 135 -8.71 14.33 7.71
CA CYS A 135 -9.87 14.13 8.55
C CYS A 135 -10.57 15.45 8.94
N ALA A 136 -11.92 15.46 8.96
CA ALA A 136 -12.71 16.61 9.41
C ALA A 136 -12.90 16.44 10.87
N LEU A 137 -13.01 15.19 11.30
CA LEU A 137 -13.28 14.90 12.68
C LEU A 137 -12.18 14.08 13.41
N GLY A 138 -12.08 14.23 14.72
CA GLY A 138 -11.23 13.31 15.52
C GLY A 138 -9.73 13.56 15.69
N ARG A 139 -9.30 14.81 15.48
CA ARG A 139 -7.91 15.23 15.71
C ARG A 139 -7.76 15.37 17.23
N ARG A 140 -6.70 14.76 17.78
CA ARG A 140 -6.38 14.77 19.23
C ARG A 140 -4.94 15.25 19.52
N ARG A 141 -3.95 14.70 18.79
CA ARG A 141 -2.53 14.81 19.21
C ARG A 141 -1.44 15.61 18.42
N GLY A 142 -1.40 15.64 17.09
CA GLY A 142 -2.53 15.75 16.16
C GLY A 142 -2.68 17.28 16.06
N THR A 143 -1.87 17.91 15.19
CA THR A 143 -1.91 19.40 14.97
C THR A 143 -2.72 19.70 13.71
N VAL A 144 -2.94 20.99 13.40
CA VAL A 144 -3.68 21.32 12.17
C VAL A 144 -2.78 21.20 10.92
N ALA A 145 -3.22 20.37 10.00
CA ALA A 145 -2.52 20.16 8.74
C ALA A 145 -2.36 21.45 7.98
N VAL A 146 -1.15 21.63 7.46
CA VAL A 146 -0.78 22.77 6.61
C VAL A 146 -0.68 22.33 5.17
N TYR A 147 -1.28 23.11 4.27
CA TYR A 147 -1.28 22.80 2.86
C TYR A 147 -0.57 23.91 2.13
N GLY A 148 0.32 23.57 1.18
CA GLY A 148 1.07 24.62 0.48
C GLY A 148 1.71 24.09 -0.80
N HIS A 149 2.16 25.02 -1.65
CA HIS A 149 2.72 24.66 -2.96
C HIS A 149 4.19 24.27 -2.84
N ASP A 150 4.75 24.61 -1.70
CA ASP A 150 6.16 24.43 -1.46
C ASP A 150 6.35 23.58 -0.20
N ALA A 151 7.06 22.47 -0.33
CA ALA A 151 7.28 21.58 0.81
C ALA A 151 8.12 22.20 1.96
N GLU A 152 9.16 22.96 1.64
CA GLU A 152 9.93 23.68 2.66
C GLU A 152 9.03 24.66 3.45
N TRP A 153 8.22 25.42 2.72
CA TRP A 153 7.30 26.36 3.36
C TRP A 153 6.36 25.62 4.35
N VAL A 154 5.81 24.50 3.91
CA VAL A 154 4.93 23.67 4.71
C VAL A 154 5.56 23.21 6.03
N VAL A 155 6.72 22.55 5.95
CA VAL A 155 7.35 22.00 7.15
C VAL A 155 7.82 23.12 8.06
N SER A 156 8.30 24.20 7.45
CA SER A 156 8.81 25.31 8.21
C SER A 156 7.70 26.06 8.97
N ARG A 157 6.43 25.71 8.75
CA ARG A 157 5.35 26.31 9.54
C ARG A 157 5.31 25.77 10.97
N PHE A 158 5.92 24.60 11.20
CA PHE A 158 5.90 23.98 12.52
C PHE A 158 7.21 24.32 13.21
N SER A 159 7.15 25.26 14.16
CA SER A 159 8.32 25.57 15.00
C SER A 159 8.65 24.41 15.93
N SER A 160 7.73 23.47 16.10
CA SER A 160 8.01 22.25 16.89
C SER A 160 8.90 21.22 16.13
N VAL A 161 9.17 21.50 14.85
CA VAL A 161 10.13 20.73 14.06
C VAL A 161 11.40 21.56 13.96
N SER A 162 12.51 21.00 14.43
CA SER A 162 13.82 21.68 14.38
C SER A 162 14.37 21.76 12.96
N LYS A 163 15.40 22.58 12.80
CA LYS A 163 16.05 22.75 11.50
C LYS A 163 16.55 21.43 10.92
N SER A 164 17.16 20.59 11.79
CA SER A 164 17.74 19.32 11.36
C SER A 164 16.67 18.33 10.91
N GLU A 165 15.56 18.31 11.65
CA GLU A 165 14.47 17.37 11.37
C GLU A 165 13.83 17.79 10.05
N ARG A 166 13.66 19.09 9.88
CA ARG A 166 13.21 19.70 8.63
C ARG A 166 14.04 19.22 7.42
N ALA A 167 15.37 19.42 7.50
CA ALA A 167 16.32 18.93 6.49
C ALA A 167 16.11 17.37 6.26
N HIS A 168 16.09 16.61 7.37
CA HIS A 168 15.85 15.16 7.28
C HIS A 168 14.57 14.82 6.52
N ILE A 169 13.50 15.55 6.82
CA ILE A 169 12.20 15.28 6.23
C ILE A 169 12.25 15.66 4.76
N LEU A 170 12.89 16.80 4.47
CA LEU A 170 12.84 17.39 3.13
C LEU A 170 13.78 16.64 2.20
N GLN A 171 14.75 15.98 2.82
CA GLN A 171 15.69 15.15 2.11
C GLN A 171 14.91 14.09 1.33
N HIS A 172 13.90 13.49 1.95
CA HIS A 172 13.10 12.47 1.26
C HIS A 172 11.97 13.01 0.41
N VAL A 173 11.50 14.21 0.73
CA VAL A 173 10.43 14.86 -0.03
C VAL A 173 10.85 15.27 -1.44
N SER A 174 11.93 16.05 -1.56
CA SER A 174 12.47 16.41 -2.88
C SER A 174 13.13 15.20 -3.57
N SER A 175 13.36 14.13 -2.81
CA SER A 175 13.86 12.87 -3.37
C SER A 175 12.79 12.14 -4.19
N CYS A 176 11.58 12.71 -4.19
CA CYS A 176 10.45 12.13 -4.90
C CYS A 176 10.00 13.02 -6.07
N ARG A 177 9.99 12.41 -7.25
CA ARG A 177 9.40 13.04 -8.43
C ARG A 177 7.90 12.77 -8.41
N LEU A 178 7.11 13.82 -8.22
CA LEU A 178 5.67 13.67 -7.98
C LEU A 178 4.90 12.87 -9.02
N GLU A 179 5.45 12.72 -10.22
CA GLU A 179 4.67 12.11 -11.31
C GLU A 179 4.98 10.64 -11.69
N ASP A 180 5.93 9.99 -11.01
CA ASP A 180 6.05 8.53 -11.17
C ASP A 180 5.05 7.76 -10.28
N LEU A 181 4.41 8.50 -9.38
CA LEU A 181 3.30 8.01 -8.55
C LEU A 181 2.02 7.80 -9.34
N SER A 182 1.34 6.70 -9.02
CA SER A 182 0.09 6.35 -9.67
C SER A 182 -0.99 7.43 -9.38
N THR A 183 -1.95 7.53 -10.30
CA THR A 183 -3.07 8.42 -10.17
C THR A 183 -3.93 7.88 -9.03
N PRO A 184 -4.23 8.73 -8.02
CA PRO A 184 -5.12 8.31 -6.91
C PRO A 184 -6.51 8.03 -7.45
N ASN A 185 -7.27 7.19 -6.74
CA ASN A 185 -8.55 6.74 -7.28
C ASN A 185 -9.74 7.75 -7.09
N PHE A 186 -9.57 8.87 -6.39
CA PHE A 186 -10.71 9.87 -6.23
C PHE A 186 -11.41 10.22 -7.56
N VAL A 187 -12.75 10.19 -7.54
CA VAL A 187 -13.56 10.59 -8.72
C VAL A 187 -14.48 11.74 -8.24
N SER A 188 -14.62 12.80 -9.04
CA SER A 188 -15.43 13.94 -8.61
C SER A 188 -16.93 13.58 -8.68
N PRO A 189 -17.69 13.89 -7.60
CA PRO A 189 -19.16 13.79 -7.64
C PRO A 189 -19.72 14.71 -8.72
N LEU A 190 -19.02 15.80 -9.03
CA LEU A 190 -19.47 16.71 -10.10
CA LEU A 190 -19.42 16.73 -10.08
C LEU A 190 -18.90 16.26 -11.45
N GLY B 1 -10.22 -7.45 -11.87
CA GLY B 1 -8.96 -8.03 -11.32
C GLY B 1 -8.95 -9.56 -11.43
N LEU B 2 -7.80 -10.12 -11.13
CA LEU B 2 -7.57 -11.53 -11.13
C LEU B 2 -7.25 -11.97 -9.74
N TYR B 3 -7.53 -13.24 -9.45
CA TYR B 3 -6.92 -13.86 -8.27
C TYR B 3 -5.71 -14.68 -8.62
N VAL B 4 -4.75 -14.69 -7.71
CA VAL B 4 -3.57 -15.55 -7.74
C VAL B 4 -3.49 -16.39 -6.45
N GLY B 5 -2.99 -17.62 -6.56
CA GLY B 5 -2.87 -18.46 -5.36
C GLY B 5 -1.82 -19.52 -5.59
N GLY B 6 -1.25 -20.00 -4.48
CA GLY B 6 -0.22 -21.04 -4.50
C GLY B 6 0.63 -21.02 -3.26
N PHE B 7 1.45 -22.05 -3.09
CA PHE B 7 2.46 -22.07 -2.00
C PHE B 7 3.53 -21.12 -2.45
N VAL B 8 4.24 -20.55 -1.48
CA VAL B 8 5.31 -19.60 -1.71
C VAL B 8 6.67 -20.15 -1.30
N ASP B 9 7.72 -19.78 -2.01
CA ASP B 9 8.99 -19.97 -1.34
C ASP B 9 9.35 -18.70 -0.55
N VAL B 10 10.09 -18.87 0.50
CA VAL B 10 10.36 -17.75 1.38
C VAL B 10 11.80 -17.37 1.11
N VAL B 11 12.01 -16.11 0.79
CA VAL B 11 13.28 -15.69 0.31
C VAL B 11 13.75 -14.47 1.05
N SER B 12 15.02 -14.49 1.45
CA SER B 12 15.64 -13.29 1.99
C SER B 12 16.78 -12.77 1.10
N CSO B 13 17.03 -11.47 1.17
CA CSO B 13 18.04 -10.79 0.37
CB CSO B 13 17.46 -9.52 -0.27
SG CSO B 13 16.18 -9.88 -1.54
C CSO B 13 19.22 -10.45 1.23
O CSO B 13 19.15 -9.54 2.05
OD CSO B 13 16.65 -11.06 -2.84
N PRO B 14 20.32 -11.21 1.10
CA PRO B 14 21.53 -10.86 1.86
C PRO B 14 22.30 -9.72 1.21
N LYS B 15 23.12 -9.05 2.01
CA LYS B 15 24.18 -8.23 1.48
C LYS B 15 25.24 -9.27 1.17
N LEU B 16 25.98 -9.08 0.07
CA LEU B 16 27.04 -10.00 -0.42
C LEU B 16 26.45 -11.15 -1.26
N GLU B 17 25.84 -12.16 -0.63
CA GLU B 17 25.17 -13.25 -1.36
C GLU B 17 24.01 -12.74 -2.18
N GLN B 18 23.55 -13.55 -3.12
CA GLN B 18 22.47 -13.15 -3.98
C GLN B 18 21.07 -13.44 -3.40
N GLU B 19 20.83 -14.68 -2.98
CA GLU B 19 19.49 -15.11 -2.63
C GLU B 19 19.66 -16.16 -1.58
N LEU B 20 18.79 -16.10 -0.57
CA LEU B 20 18.79 -17.07 0.48
C LEU B 20 17.36 -17.59 0.57
N TYR B 21 17.21 -18.91 0.46
CA TYR B 21 15.90 -19.52 0.47
C TYR B 21 15.72 -20.17 1.82
N LEU B 22 14.70 -19.73 2.57
CA LEU B 22 14.46 -20.25 3.91
C LEU B 22 13.60 -21.49 3.83
N ASP B 23 13.67 -22.28 4.89
CA ASP B 23 12.70 -23.31 5.19
C ASP B 23 11.49 -22.53 5.70
N PRO B 24 10.30 -22.78 5.12
CA PRO B 24 9.07 -22.15 5.59
C PRO B 24 8.77 -22.33 7.08
N ASP B 25 9.19 -23.45 7.68
CA ASP B 25 8.99 -23.64 9.10
C ASP B 25 9.82 -22.62 9.89
N GLN B 26 10.71 -21.91 9.20
CA GLN B 26 11.50 -20.91 9.89
C GLN B 26 10.62 -19.70 10.17
N VAL B 27 9.51 -19.54 9.44
CA VAL B 27 8.68 -18.34 9.62
C VAL B 27 7.21 -18.61 10.00
N THR B 28 6.87 -19.86 10.30
CA THR B 28 5.48 -20.21 10.61
C THR B 28 4.93 -19.68 11.92
N ASP B 29 5.79 -19.28 12.86
CA ASP B 29 5.34 -18.57 14.05
C ASP B 29 4.58 -17.28 13.67
N TYR B 30 4.84 -16.77 12.46
CA TYR B 30 4.36 -15.46 12.06
C TYR B 30 3.14 -15.53 11.14
N LEU B 31 2.66 -16.74 10.87
CA LEU B 31 1.41 -16.96 10.14
C LEU B 31 0.24 -17.05 11.15
N PRO B 32 -1.02 -16.83 10.71
CA PRO B 32 -1.53 -16.32 9.43
C PRO B 32 -1.15 -14.85 9.23
N VAL B 33 -0.88 -14.43 8.00
CA VAL B 33 -0.76 -12.99 7.68
C VAL B 33 -2.05 -12.55 6.98
N THR B 34 -2.86 -11.77 7.66
CA THR B 34 -4.09 -11.23 7.07
C THR B 34 -3.91 -9.77 6.67
N GLU B 35 -2.84 -9.13 7.13
CA GLU B 35 -2.55 -7.77 6.63
C GLU B 35 -2.08 -7.82 5.18
N PRO B 36 -2.66 -6.99 4.29
CA PRO B 36 -2.21 -7.03 2.86
C PRO B 36 -0.74 -6.67 2.57
N LEU B 37 -0.07 -7.51 1.79
CA LEU B 37 1.29 -7.27 1.33
C LEU B 37 1.20 -6.89 -0.12
N PRO B 38 2.04 -5.95 -0.55
CA PRO B 38 2.12 -5.63 -1.97
C PRO B 38 2.56 -6.85 -2.79
N ILE B 39 1.97 -7.03 -3.96
CA ILE B 39 2.40 -8.06 -4.90
C ILE B 39 3.13 -7.34 -6.02
N THR B 40 4.42 -7.64 -6.22
CA THR B 40 5.24 -7.01 -7.24
C THR B 40 5.78 -8.05 -8.25
N ILE B 41 6.46 -7.57 -9.28
CA ILE B 41 7.08 -8.44 -10.29
C ILE B 41 8.55 -8.51 -10.00
N GLU B 42 8.99 -9.76 -9.72
CA GLU B 42 10.39 -10.08 -9.66
C GLU B 42 11.16 -9.18 -8.72
N HIS B 43 10.59 -8.89 -7.54
CA HIS B 43 11.21 -7.99 -6.56
C HIS B 43 11.56 -6.55 -6.99
N LEU B 44 10.94 -6.08 -8.06
CA LEU B 44 11.02 -4.69 -8.47
C LEU B 44 9.89 -3.89 -7.80
N PRO B 45 10.21 -3.09 -6.78
CA PRO B 45 9.13 -2.25 -6.28
C PRO B 45 8.91 -1.20 -7.36
N GLU B 46 7.81 -0.50 -7.37
CA GLU B 46 7.48 0.27 -8.59
C GLU B 46 6.69 -0.61 -9.54
N THR B 47 6.75 -1.94 -9.39
CA THR B 47 5.87 -2.83 -10.17
C THR B 47 4.77 -3.47 -9.29
N GLU B 48 4.19 -2.73 -8.34
CA GLU B 48 3.08 -3.29 -7.59
C GLU B 48 1.87 -3.60 -8.55
N VAL B 49 1.40 -4.83 -8.55
CA VAL B 49 0.23 -5.13 -9.41
C VAL B 49 -1.02 -5.46 -8.63
N GLY B 50 -0.84 -5.56 -7.31
CA GLY B 50 -1.95 -5.90 -6.43
C GLY B 50 -1.54 -6.15 -5.01
N TRP B 51 -2.33 -6.95 -4.32
CA TRP B 51 -2.28 -7.05 -2.88
C TRP B 51 -2.56 -8.47 -2.48
N THR B 52 -1.80 -9.01 -1.53
CA THR B 52 -2.18 -10.30 -0.90
C THR B 52 -3.46 -10.19 -0.09
N LEU B 53 -4.15 -11.30 0.05
CA LEU B 53 -5.37 -11.29 0.84
C LEU B 53 -5.15 -12.11 2.14
N GLY B 54 -4.31 -13.12 2.09
CA GLY B 54 -4.05 -13.92 3.27
C GLY B 54 -2.90 -14.85 2.91
N LEU B 55 -2.02 -15.09 3.88
CA LEU B 55 -1.06 -16.19 3.79
C LEU B 55 -1.32 -17.05 4.99
N PHE B 56 -1.37 -18.35 4.78
CA PHE B 56 -1.77 -19.28 5.85
C PHE B 56 -0.85 -20.45 5.89
N GLN B 57 -0.58 -20.94 7.09
CA GLN B 57 0.12 -22.21 7.24
C GLN B 57 -0.76 -23.40 6.80
N VAL B 58 -0.41 -24.06 5.72
CA VAL B 58 -1.21 -25.20 5.22
C VAL B 58 -0.37 -26.36 4.78
N SER B 59 -0.82 -27.55 5.19
CA SER B 59 -0.06 -28.81 5.13
C SER B 59 1.47 -28.63 5.23
N HIS B 60 2.18 -28.65 4.10
CA HIS B 60 3.64 -28.67 4.18
C HIS B 60 4.34 -27.31 4.13
N GLY B 61 3.60 -26.23 4.03
CA GLY B 61 4.22 -24.92 3.78
C GLY B 61 3.27 -23.75 3.97
N ILE B 62 3.43 -22.73 3.13
CA ILE B 62 2.73 -21.49 3.26
C ILE B 62 1.92 -21.18 2.02
N PHE B 63 0.59 -21.13 2.15
CA PHE B 63 -0.28 -20.85 0.97
C PHE B 63 -0.73 -19.41 0.94
N CYS B 64 -0.47 -18.76 -0.20
CA CYS B 64 -0.85 -17.37 -0.44
C CYS B 64 -2.07 -17.23 -1.38
N THR B 65 -3.01 -16.33 -1.04
CA THR B 65 -4.04 -15.88 -1.99
C THR B 65 -3.91 -14.36 -2.16
N GLY B 66 -4.06 -13.88 -3.39
CA GLY B 66 -3.86 -12.48 -3.71
C GLY B 66 -4.80 -11.94 -4.76
N ALA B 67 -4.89 -10.62 -4.82
CA ALA B 67 -5.62 -10.02 -5.90
C ALA B 67 -4.72 -9.17 -6.79
N ILE B 68 -4.89 -9.38 -8.09
CA ILE B 68 -4.15 -8.60 -9.07
C ILE B 68 -5.08 -7.53 -9.61
N THR B 69 -4.79 -6.26 -9.31
CA THR B 69 -5.82 -5.21 -9.54
C THR B 69 -5.33 -4.04 -10.39
N SER B 70 -4.03 -3.97 -10.68
CA SER B 70 -3.47 -2.87 -11.44
C SER B 70 -4.00 -2.86 -12.88
N PRO B 71 -4.74 -1.81 -13.26
CA PRO B 71 -5.29 -1.77 -14.60
C PRO B 71 -4.18 -1.65 -15.62
N ALA B 72 -3.14 -0.86 -15.34
CA ALA B 72 -1.98 -0.78 -16.26
C ALA B 72 -1.27 -2.13 -16.47
N PHE B 73 -1.05 -2.88 -15.39
CA PHE B 73 -0.51 -4.24 -15.53
C PHE B 73 -1.39 -5.20 -16.34
N LEU B 74 -2.68 -5.22 -16.00
CA LEU B 74 -3.68 -6.07 -16.65
C LEU B 74 -3.82 -5.79 -18.14
N GLU B 75 -3.80 -4.50 -18.52
CA GLU B 75 -3.85 -4.08 -19.90
C GLU B 75 -2.56 -4.51 -20.62
N LEU B 76 -1.41 -4.26 -19.99
CA LEU B 76 -0.14 -4.67 -20.59
C LEU B 76 0.00 -6.21 -20.75
N ALA B 77 -0.34 -6.95 -19.70
CA ALA B 77 -0.33 -8.42 -19.72
C ALA B 77 -1.28 -8.98 -20.80
N SER B 78 -2.49 -8.42 -20.90
CA SER B 78 -3.42 -8.83 -21.98
C SER B 78 -2.92 -8.56 -23.38
N ARG B 79 -2.36 -7.37 -23.60
CA ARG B 79 -1.79 -7.05 -24.90
C ARG B 79 -0.69 -8.08 -25.32
N LEU B 80 0.20 -8.38 -24.40
CA LEU B 80 1.27 -9.33 -24.62
C LEU B 80 0.69 -10.72 -24.88
N ALA B 81 -0.24 -11.15 -24.01
CA ALA B 81 -0.90 -12.46 -24.12
C ALA B 81 -1.59 -12.62 -25.46
N ASP B 82 -2.17 -11.54 -25.98
CA ASP B 82 -2.87 -11.64 -27.28
C ASP B 82 -2.00 -11.47 -28.52
N THR B 83 -0.96 -10.66 -28.43
CA THR B 83 -0.35 -10.16 -29.66
C THR B 83 1.14 -10.44 -29.76
N SER B 84 1.80 -10.74 -28.64
CA SER B 84 3.24 -10.94 -28.68
C SER B 84 3.58 -12.40 -29.06
N HIS B 85 4.14 -12.59 -30.26
CA HIS B 85 4.70 -13.89 -30.65
C HIS B 85 5.65 -14.44 -29.62
N VAL B 86 6.40 -13.55 -28.98
CA VAL B 86 7.33 -14.02 -27.96
C VAL B 86 6.70 -14.52 -26.66
N ALA B 87 5.77 -13.75 -26.10
CA ALA B 87 5.02 -14.18 -24.92
C ALA B 87 4.31 -15.52 -25.18
N ARG B 88 3.81 -15.66 -26.41
CA ARG B 88 3.00 -16.82 -26.84
C ARG B 88 3.82 -18.06 -27.24
N ALA B 89 5.03 -17.86 -27.73
CA ALA B 89 5.87 -18.98 -28.19
C ALA B 89 5.99 -20.22 -27.23
N PRO B 90 6.29 -20.05 -25.92
CA PRO B 90 6.50 -21.22 -25.05
C PRO B 90 5.25 -21.98 -24.64
N VAL B 91 4.06 -21.54 -25.08
CA VAL B 91 2.86 -22.25 -24.67
C VAL B 91 2.37 -23.19 -25.73
N LYS B 92 2.56 -24.49 -25.51
CA LYS B 92 1.63 -25.52 -26.07
C LYS B 92 0.62 -25.93 -24.99
N ASN B 93 -0.66 -25.79 -25.30
CA ASN B 93 -1.11 -24.91 -26.39
C ASN B 93 -2.33 -24.02 -26.07
N LEU B 94 -2.31 -22.83 -26.70
CA LEU B 94 -3.09 -21.68 -26.24
C LEU B 94 -4.56 -21.69 -26.54
N PRO B 95 -5.38 -21.38 -25.50
CA PRO B 95 -6.78 -21.09 -25.70
C PRO B 95 -6.85 -19.64 -26.21
N LYS B 96 -7.98 -18.91 -26.14
CA LYS B 96 -7.94 -17.55 -26.74
C LYS B 96 -8.83 -16.36 -26.24
N GLU B 97 -8.65 -15.71 -25.08
CA GLU B 97 -8.45 -16.18 -23.70
C GLU B 97 -7.14 -16.81 -23.18
N PRO B 98 -5.98 -16.35 -23.70
CA PRO B 98 -4.71 -16.90 -23.30
C PRO B 98 -4.09 -16.33 -22.02
N LEU B 99 -4.67 -15.26 -21.46
CA LEU B 99 -4.05 -14.53 -20.37
C LEU B 99 -3.65 -15.39 -19.16
N LEU B 100 -4.58 -16.17 -18.65
CA LEU B 100 -4.35 -16.99 -17.44
C LEU B 100 -3.18 -17.97 -17.67
N GLU B 101 -3.15 -18.62 -18.84
CA GLU B 101 -2.00 -19.53 -19.17
C GLU B 101 -0.68 -18.77 -19.43
N ILE B 102 -0.76 -17.57 -20.04
CA ILE B 102 0.47 -16.75 -20.27
C ILE B 102 1.04 -16.28 -18.92
N LEU B 103 0.15 -15.89 -18.01
CA LEU B 103 0.64 -15.50 -16.67
C LEU B 103 1.31 -16.69 -15.98
N HIS B 104 0.68 -17.85 -16.08
CA HIS B 104 1.11 -19.06 -15.36
C HIS B 104 2.48 -19.49 -15.91
N THR B 105 2.62 -19.34 -17.21
CA THR B 105 3.86 -19.66 -17.92
C THR B 105 5.07 -18.78 -17.57
N TRP B 106 4.89 -17.46 -17.63
CA TRP B 106 5.97 -16.48 -17.48
C TRP B 106 6.18 -16.01 -16.05
N LEU B 107 5.14 -16.12 -15.22
CA LEU B 107 5.28 -15.82 -13.78
C LEU B 107 4.83 -17.03 -12.95
N PRO B 108 5.59 -18.14 -13.05
CA PRO B 108 5.18 -19.44 -12.53
C PRO B 108 5.34 -19.56 -11.01
N GLY B 109 5.98 -18.60 -10.38
CA GLY B 109 6.34 -18.76 -8.96
C GLY B 109 5.89 -17.64 -8.10
N LEU B 110 5.73 -17.90 -6.79
CA LEU B 110 5.49 -16.83 -5.82
C LEU B 110 6.56 -16.83 -4.76
N SER B 111 7.27 -15.69 -4.60
CA SER B 111 8.28 -15.54 -3.56
C SER B 111 7.85 -14.61 -2.45
N LEU B 112 7.86 -15.10 -1.23
CA LEU B 112 7.52 -14.28 -0.08
C LEU B 112 8.81 -13.74 0.51
N SER B 113 8.95 -12.42 0.45
CA SER B 113 10.17 -11.76 0.89
C SER B 113 10.09 -11.60 2.41
N SER B 114 11.14 -12.05 3.10
CA SER B 114 11.19 -12.06 4.55
C SER B 114 12.51 -11.46 5.02
N ILE B 115 12.55 -10.85 6.20
CA ILE B 115 13.85 -10.46 6.76
C ILE B 115 14.69 -11.72 7.00
N HIS B 116 16.00 -11.58 7.02
CA HIS B 116 16.93 -12.66 7.34
C HIS B 116 16.62 -13.33 8.71
N PRO B 117 16.67 -14.68 8.76
CA PRO B 117 16.69 -15.47 10.00
C PRO B 117 17.40 -14.83 11.18
N ARG B 118 18.50 -14.12 10.93
CA ARG B 118 19.31 -13.67 12.08
C ARG B 118 18.54 -12.70 13.02
N GLU B 119 17.46 -12.09 12.53
CA GLU B 119 16.53 -11.37 13.41
C GLU B 119 15.14 -11.97 13.41
N PRO B 124 13.90 -7.18 17.95
CA PRO B 124 13.64 -7.80 16.65
C PRO B 124 12.38 -7.28 15.89
N SER B 125 12.36 -5.97 15.57
CA SER B 125 11.19 -5.30 14.98
CA SER B 125 11.17 -5.32 14.97
C SER B 125 11.14 -5.35 13.44
N GLY B 126 10.46 -4.36 12.84
CA GLY B 126 10.19 -4.26 11.40
C GLY B 126 9.19 -5.34 11.15
N PRO B 127 8.39 -5.27 10.07
CA PRO B 127 7.61 -6.47 9.83
C PRO B 127 8.52 -7.61 9.39
N VAL B 128 8.09 -8.84 9.61
CA VAL B 128 8.86 -9.98 9.09
C VAL B 128 8.80 -9.96 7.57
N PHE B 129 7.61 -9.76 7.03
CA PHE B 129 7.40 -9.85 5.61
C PHE B 129 7.24 -8.50 4.91
N GLN B 130 7.81 -8.37 3.72
CA GLN B 130 7.83 -7.13 2.94
C GLN B 130 6.86 -7.14 1.75
N HIS B 131 6.91 -8.18 0.97
CA HIS B 131 6.06 -8.29 -0.22
C HIS B 131 5.98 -9.73 -0.69
N VAL B 132 5.12 -10.01 -1.67
CA VAL B 132 5.14 -11.25 -2.40
C VAL B 132 5.41 -10.89 -3.85
N SER B 133 6.33 -11.60 -4.50
CA SER B 133 6.55 -11.29 -5.92
C SER B 133 6.03 -12.43 -6.74
N LEU B 134 5.42 -12.08 -7.89
CA LEU B 134 5.26 -13.02 -9.00
C LEU B 134 6.65 -13.11 -9.64
N CYS B 135 7.15 -14.34 -9.76
CA CYS B 135 8.55 -14.54 -10.08
C CYS B 135 8.73 -15.40 -11.32
N ALA B 136 9.68 -15.01 -12.18
CA ALA B 136 10.04 -15.78 -13.37
C ALA B 136 11.48 -16.28 -13.27
N LEU B 137 12.30 -15.65 -12.43
CA LEU B 137 13.73 -15.92 -12.41
C LEU B 137 14.04 -16.90 -11.28
N GLY B 138 13.00 -17.34 -10.57
CA GLY B 138 13.16 -18.21 -9.41
C GLY B 138 13.37 -19.71 -9.69
N ARG B 139 13.11 -20.53 -8.66
CA ARG B 139 13.49 -21.93 -8.58
C ARG B 139 12.35 -22.67 -9.18
N ARG B 140 12.60 -23.90 -9.55
CA ARG B 140 11.54 -24.71 -10.12
C ARG B 140 10.99 -25.66 -9.05
N ARG B 141 11.12 -25.27 -7.81
CA ARG B 141 10.55 -26.06 -6.72
C ARG B 141 9.93 -25.13 -5.69
N GLY B 142 9.13 -25.69 -4.80
CA GLY B 142 8.60 -24.91 -3.70
C GLY B 142 7.36 -24.05 -3.97
N THR B 143 7.09 -23.68 -5.22
CA THR B 143 5.96 -22.75 -5.44
C THR B 143 5.44 -22.87 -6.86
N VAL B 144 4.12 -22.89 -7.02
CA VAL B 144 3.53 -22.85 -8.34
C VAL B 144 2.35 -21.86 -8.27
N ALA B 145 2.38 -20.83 -9.13
CA ALA B 145 1.46 -19.69 -9.12
C ALA B 145 0.31 -20.01 -10.06
N VAL B 146 -0.93 -19.91 -9.55
CA VAL B 146 -2.09 -20.19 -10.42
C VAL B 146 -2.96 -18.92 -10.45
N TYR B 147 -3.30 -18.44 -11.65
CA TYR B 147 -4.07 -17.23 -11.83
C TYR B 147 -5.47 -17.57 -12.34
N GLY B 148 -6.49 -16.89 -11.79
CA GLY B 148 -7.86 -17.16 -12.21
C GLY B 148 -8.82 -16.04 -11.86
N HIS B 149 -10.07 -16.17 -12.31
CA HIS B 149 -11.07 -15.11 -12.17
C HIS B 149 -11.83 -15.21 -10.85
N ASP B 150 -11.87 -16.39 -10.24
CA ASP B 150 -12.39 -16.48 -8.87
C ASP B 150 -11.50 -17.34 -8.01
N ALA B 151 -11.64 -17.13 -6.71
CA ALA B 151 -10.67 -17.65 -5.77
C ALA B 151 -10.95 -19.13 -5.61
N GLU B 152 -12.23 -19.53 -5.71
CA GLU B 152 -12.59 -20.94 -5.60
C GLU B 152 -11.93 -21.79 -6.70
N TRP B 153 -11.91 -21.27 -7.92
CA TRP B 153 -11.30 -21.98 -9.02
C TRP B 153 -9.79 -22.16 -8.79
N VAL B 154 -9.16 -21.10 -8.33
CA VAL B 154 -7.73 -21.08 -8.05
C VAL B 154 -7.41 -22.14 -6.97
N VAL B 155 -8.10 -22.06 -5.84
CA VAL B 155 -7.78 -22.96 -4.74
C VAL B 155 -8.03 -24.39 -5.15
N SER B 156 -9.04 -24.59 -6.04
CA SER B 156 -9.29 -25.89 -6.73
C SER B 156 -8.12 -26.50 -7.54
N ARG B 157 -7.27 -25.70 -8.15
CA ARG B 157 -6.12 -26.25 -8.86
C ARG B 157 -5.05 -26.94 -7.94
N PHE B 158 -5.32 -27.16 -6.66
CA PHE B 158 -4.29 -27.76 -5.76
C PHE B 158 -4.71 -29.02 -5.06
N SER B 159 -3.83 -30.01 -5.04
CA SER B 159 -4.18 -31.26 -4.46
C SER B 159 -3.90 -31.39 -2.96
N SER B 160 -2.96 -30.64 -2.43
CA SER B 160 -2.48 -30.92 -1.06
C SER B 160 -3.05 -29.98 0.02
N VAL B 161 -3.98 -29.11 -0.38
CA VAL B 161 -4.73 -28.28 0.58
C VAL B 161 -5.95 -29.11 1.09
N SER B 162 -6.09 -29.36 2.39
CA SER B 162 -7.20 -30.18 2.87
C SER B 162 -8.56 -29.48 2.69
N LYS B 163 -9.65 -30.23 2.92
CA LYS B 163 -11.01 -29.67 2.83
C LYS B 163 -11.17 -28.46 3.77
N SER B 164 -10.73 -28.60 5.03
CA SER B 164 -10.86 -27.52 6.01
C SER B 164 -9.91 -26.35 5.76
N GLU B 165 -8.68 -26.60 5.29
CA GLU B 165 -7.79 -25.48 4.93
C GLU B 165 -8.39 -24.69 3.76
N ARG B 166 -8.96 -25.43 2.80
CA ARG B 166 -9.60 -24.77 1.69
C ARG B 166 -10.77 -23.90 2.15
N ALA B 167 -11.70 -24.47 2.91
CA ALA B 167 -12.83 -23.70 3.45
C ALA B 167 -12.37 -22.44 4.20
N HIS B 168 -11.44 -22.61 5.13
CA HIS B 168 -10.79 -21.50 5.85
C HIS B 168 -10.22 -20.40 4.93
N ILE B 169 -9.52 -20.80 3.88
CA ILE B 169 -8.95 -19.84 2.97
C ILE B 169 -10.05 -19.08 2.18
N LEU B 170 -11.02 -19.82 1.66
CA LEU B 170 -12.08 -19.17 0.87
C LEU B 170 -12.96 -18.25 1.74
N GLN B 171 -13.36 -18.72 2.91
CA GLN B 171 -14.12 -17.86 3.83
C GLN B 171 -13.42 -16.50 3.94
N HIS B 172 -12.11 -16.53 4.27
CA HIS B 172 -11.31 -15.31 4.43
C HIS B 172 -11.27 -14.43 3.18
N VAL B 173 -11.03 -15.05 2.04
CA VAL B 173 -11.05 -14.32 0.78
C VAL B 173 -12.42 -13.74 0.43
N SER B 174 -13.51 -14.42 0.79
CA SER B 174 -14.90 -13.94 0.60
C SER B 174 -15.22 -12.65 1.36
N SER B 175 -14.52 -12.42 2.46
CA SER B 175 -14.73 -11.21 3.24
C SER B 175 -13.97 -9.99 2.65
N CSO B 176 -13.03 -10.21 1.73
CA CSO B 176 -12.24 -9.10 1.17
CB CSO B 176 -10.84 -9.57 0.73
SG CSO B 176 -9.94 -10.31 2.15
C CSO B 176 -12.98 -8.41 0.00
O CSO B 176 -13.13 -8.98 -1.08
OD CSO B 176 -10.04 -9.21 3.62
N ARG B 177 -13.45 -7.19 0.22
CA ARG B 177 -13.96 -6.41 -0.91
C ARG B 177 -12.76 -5.87 -1.72
N LEU B 178 -12.67 -6.27 -2.98
CA LEU B 178 -11.55 -5.87 -3.81
C LEU B 178 -11.45 -4.33 -3.97
N GLU B 179 -12.59 -3.67 -4.13
CA GLU B 179 -12.58 -2.22 -4.32
C GLU B 179 -12.14 -1.45 -3.07
N ASP B 180 -12.01 -2.12 -1.94
CA ASP B 180 -11.46 -1.48 -0.76
C ASP B 180 -9.91 -1.47 -0.74
N LEU B 181 -9.29 -2.17 -1.67
CA LEU B 181 -7.82 -2.24 -1.74
C LEU B 181 -7.31 -0.95 -2.42
N SER B 182 -6.26 -0.37 -1.87
CA SER B 182 -5.65 0.82 -2.45
C SER B 182 -5.02 0.57 -3.87
N THR B 183 -4.88 1.65 -4.64
CA THR B 183 -4.24 1.61 -5.96
C THR B 183 -2.80 1.12 -5.89
N PRO B 184 -2.46 0.04 -6.62
CA PRO B 184 -1.03 -0.35 -6.65
C PRO B 184 -0.18 0.61 -7.51
N ASN B 185 1.04 0.88 -7.11
CA ASN B 185 1.90 1.85 -7.80
C ASN B 185 2.74 1.05 -8.79
N PHE B 186 2.26 1.02 -10.03
CA PHE B 186 2.80 0.12 -11.05
C PHE B 186 3.37 0.96 -12.18
N VAL B 187 4.53 0.56 -12.67
CA VAL B 187 5.06 1.08 -13.92
C VAL B 187 5.61 -0.17 -14.58
N SER B 188 5.64 -0.20 -15.89
CA SER B 188 6.24 -1.34 -16.60
C SER B 188 7.71 -1.58 -16.10
N PRO B 189 8.14 -2.85 -15.97
CA PRO B 189 9.57 -3.19 -15.71
C PRO B 189 10.61 -2.40 -16.55
N LEU B 190 10.31 -2.21 -17.83
CA LEU B 190 11.16 -1.44 -18.75
C LEU B 190 11.27 0.06 -18.41
N GLU B 191 10.29 0.58 -17.67
CA GLU B 191 10.30 2.01 -17.26
C GLU B 191 11.18 2.26 -16.05
N THR B 192 11.60 1.19 -15.39
CA THR B 192 12.44 1.23 -14.18
C THR B 192 13.95 1.34 -14.47
N LEU B 193 14.33 1.52 -15.74
CA LEU B 193 15.78 1.47 -16.14
C LEU B 193 16.44 2.86 -16.21
C ACT C . 2.25 28.58 -0.44
O ACT C . 3.10 27.95 0.23
OXT ACT C . 1.66 27.82 -1.24
CH3 ACT C . 1.95 30.05 -0.28
C1 NJQ D . -17.52 18.02 -1.38
C2 NJQ D . -18.70 17.08 -1.09
C3 NJQ D . -19.49 16.71 -2.21
C4 NJQ D . -20.59 15.87 -2.06
C5 NJQ D . -20.89 15.40 -0.80
C6 NJQ D . -20.12 15.76 0.34
C7 NJQ D . -19.03 16.61 0.19
N8 NJQ D . -18.25 16.94 1.24
C9 NJQ D . -21.50 15.43 -3.29
O10 NJQ D . -21.39 16.05 -4.36
O11 NJQ D . -22.25 14.46 -3.13
C15 NJQ D . -16.19 17.29 -1.57
C18 NJQ D . -13.73 16.01 -1.87
C19 NJQ D . -14.00 17.25 -2.44
C20 NJQ D . -15.19 17.91 -2.27
C21 NJQ D . -15.93 16.06 -1.01
C22 NJQ D . -14.73 15.40 -1.14
C28 NJQ D . -18.42 16.79 2.57
O29 NJQ D . -19.41 16.32 3.13
C30 NJQ D . -17.20 17.21 3.37
C32 NJQ D . -17.20 17.19 4.77
C33 NJQ D . -16.02 17.53 5.45
C34 NJQ D . -14.90 17.89 4.70
C35 NJQ D . -14.95 17.89 3.29
N36 NJQ D . -16.09 17.52 2.67
C37 NJQ D . -13.71 18.27 2.46
C41 NJQ D . -13.93 19.29 1.34
C44 NJQ D . -12.64 19.44 0.53
C45 NJQ D . -14.16 20.65 1.90
C47 NJQ D . -13.45 21.83 -0.20
C48 NJQ D . -14.62 21.53 0.71
C57 NJQ D . -12.75 20.54 -0.57
S SO4 E . 1.59 -16.55 -32.41
O1 SO4 E . 3.03 -16.82 -32.55
O2 SO4 E . 0.91 -16.62 -33.69
O3 SO4 E . 1.08 -17.59 -31.52
O4 SO4 E . 1.34 -15.18 -31.99
S SO4 F . 10.00 -19.38 -18.65
O1 SO4 F . 10.37 -18.12 -19.05
O2 SO4 F . 9.36 -19.36 -17.27
O3 SO4 F . 8.96 -19.75 -19.65
O4 SO4 F . 11.27 -20.21 -18.55
S SO4 G . -12.40 -26.03 -15.37
S SO4 G . -11.49 -28.44 -14.68
O1 SO4 G . -11.16 -25.66 -16.03
O1 SO4 G . -10.37 -29.28 -15.12
O2 SO4 G . -13.14 -24.77 -15.28
O2 SO4 G . -11.45 -27.26 -15.56
O3 SO4 G . -13.20 -27.01 -16.12
O3 SO4 G . -12.75 -29.19 -14.77
O4 SO4 G . -12.24 -26.68 -14.05
O4 SO4 G . -11.40 -27.98 -13.29
C1 GOL H . -4.10 -2.15 0.70
O1 GOL H . -5.41 -1.58 0.55
C2 GOL H . -3.18 -1.37 1.66
O2 GOL H . -3.57 -1.64 3.03
C3 GOL H . -2.62 0.03 1.29
O3 GOL H . -1.26 0.45 1.84
C1 NJQ I . 8.12 -6.06 -19.91
C2 NJQ I . 7.55 -5.40 -21.15
C3 NJQ I . 7.38 -4.02 -21.11
C4 NJQ I . 6.91 -3.34 -22.21
C5 NJQ I . 6.58 -4.03 -23.39
C6 NJQ I . 6.77 -5.41 -23.42
C7 NJQ I . 7.27 -6.11 -22.34
N8 NJQ I . 7.34 -7.44 -22.37
C9 NJQ I . 6.69 -1.86 -22.14
O10 NJQ I . 6.16 -1.33 -23.11
O11 NJQ I . 7.01 -1.25 -21.09
C15 NJQ I . 7.08 -6.68 -19.03
C18 NJQ I . 5.20 -7.86 -17.38
C19 NJQ I . 4.84 -6.89 -18.27
C20 NJQ I . 5.76 -6.30 -19.13
C21 NJQ I . 7.46 -7.64 -18.13
C22 NJQ I . 6.51 -8.24 -17.30
C28 NJQ I . 7.64 -8.31 -23.33
O29 NJQ I . 8.03 -8.07 -24.47
C30 NJQ I . 7.43 -9.72 -22.92
C32 NJQ I . 7.57 -10.72 -23.86
C33 NJQ I . 7.38 -12.02 -23.45
C34 NJQ I . 7.04 -12.30 -22.14
C35 NJQ I . 6.90 -11.26 -21.23
N36 NJQ I . 7.09 -10.03 -21.65
C37 NJQ I . 6.49 -11.48 -19.76
C41 NJQ I . 4.99 -11.77 -19.40
C44 NJQ I . 3.96 -11.67 -20.54
C45 NJQ I . 4.60 -11.10 -18.03
C47 NJQ I . 2.17 -11.64 -18.70
C48 NJQ I . 3.09 -10.99 -17.64
C57 NJQ I . 2.60 -11.14 -20.11
C1 NJQ J . 17.00 -8.95 -15.59
C2 NJQ J . 17.58 -10.31 -15.44
C3 NJQ J . 18.68 -10.51 -14.59
C4 NJQ J . 19.22 -11.80 -14.51
C5 NJQ J . 18.71 -12.87 -15.27
C6 NJQ J . 17.62 -12.65 -16.13
C7 NJQ J . 17.06 -11.38 -16.20
N8 NJQ J . 16.03 -11.08 -17.02
C9 NJQ J . 20.43 -12.05 -13.57
O10 NJQ J . 21.20 -13.03 -13.75
O11 NJQ J . 20.55 -11.24 -12.67
C15 NJQ J . 15.73 -8.79 -14.77
C18 NJQ J . 13.39 -8.39 -13.33
C19 NJQ J . 14.61 -8.53 -12.67
C20 NJQ J . 15.80 -8.74 -13.37
C21 NJQ J . 14.53 -8.64 -15.40
C22 NJQ J . 13.34 -8.45 -14.71
C28 NJQ J . 15.93 -11.53 -18.26
O29 NJQ J . 16.69 -12.32 -18.80
C30 NJQ J . 14.74 -11.01 -18.98
C32 NJQ J . 14.64 -11.23 -20.33
C33 NJQ J . 13.54 -10.72 -20.98
C34 NJQ J . 12.57 -10.02 -20.28
C35 NJQ J . 12.72 -9.86 -18.90
N36 NJQ J . 13.82 -10.34 -18.29
C37 NJQ J . 11.67 -9.14 -18.11
C41 NJQ J . 10.46 -10.02 -17.67
C44 NJQ J . 10.38 -10.09 -16.14
C45 NJQ J . 10.38 -11.40 -18.39
C47 NJQ J . 8.50 -11.83 -16.67
C48 NJQ J . 9.41 -12.43 -17.77
C57 NJQ J . 9.22 -10.95 -15.60
#